data_2Q6G
#
_entry.id   2Q6G
#
_cell.length_a   51.982
_cell.length_b   95.829
_cell.length_c   67.718
_cell.angle_alpha   90.00
_cell.angle_beta   102.92
_cell.angle_gamma   90.00
#
_symmetry.space_group_name_H-M   'P 1 21 1'
#
loop_
_entity.id
_entity.type
_entity.pdbx_description
1 polymer 'severe acute respiratory syndrome coronavirus (SARS-CoV)'
2 polymer 'Polypeptide chain'
3 water water
#
loop_
_entity_poly.entity_id
_entity_poly.type
_entity_poly.pdbx_seq_one_letter_code
_entity_poly.pdbx_strand_id
1 'polypeptide(L)'
;SGFRKMAFPSGKVEGCMVQVTCGTTTLNGLWLDDTVYCPRAVICTAEDMLNPNYEDLLIRKSNHSFLVQAGNVQLRVIGH
SMQNCLLRLKVDTSNPKTPKYKFVRIQPGQTFSVLACYNGSPSGVYQCAMRPNHTIKGSFLNGSCGSVGFNIDYDCVSFC
YMHHMELPTGVHAGTDLEGKFYGPFVDRQTAQAAGTDTTITLNVLAWLYAAVINGDRWFLNRFTTTLNDFNLVAMKYNYE
PLTQDHVDILGPLSAQTGIAVLDMCAALKELLQNGMNGRTILGSTILEDEFTPFDVVRQCSGVTFQ
;
A,B
2 'polypeptide(L)' TSAVLQSGFRK C,D
#
# COMPACT_ATOMS: atom_id res chain seq x y z
N SER A 1 3.30 9.77 -12.06
CA SER A 1 3.50 9.10 -13.39
C SER A 1 4.21 7.75 -13.25
N GLY A 2 3.87 7.04 -12.19
CA GLY A 2 4.42 5.73 -11.93
C GLY A 2 3.25 4.94 -11.38
N PHE A 3 3.01 3.74 -11.91
CA PHE A 3 1.87 2.95 -11.45
C PHE A 3 2.14 2.02 -10.29
N ARG A 4 1.87 2.49 -9.09
CA ARG A 4 2.08 1.71 -7.88
C ARG A 4 0.77 1.06 -7.42
N LYS A 5 0.87 0.24 -6.38
CA LYS A 5 -0.30 -0.43 -5.82
C LYS A 5 -0.98 0.47 -4.80
N MET A 6 -1.76 1.43 -5.28
CA MET A 6 -2.47 2.38 -4.43
C MET A 6 -3.53 1.74 -3.55
N ALA A 7 -3.53 2.08 -2.27
CA ALA A 7 -4.54 1.57 -1.35
C ALA A 7 -5.38 2.78 -0.98
N PHE A 8 -6.61 2.52 -0.56
CA PHE A 8 -7.51 3.58 -0.18
C PHE A 8 -7.03 4.19 1.13
N PRO A 9 -7.21 5.51 1.31
CA PRO A 9 -6.77 6.09 2.59
C PRO A 9 -7.52 5.25 3.61
N SER A 10 -6.87 4.89 4.72
CA SER A 10 -7.54 4.03 5.69
C SER A 10 -8.12 4.65 6.95
N GLY A 11 -8.08 5.97 7.07
CA GLY A 11 -8.62 6.61 8.27
C GLY A 11 -9.98 6.10 8.73
N LYS A 12 -10.97 6.13 7.84
CA LYS A 12 -12.32 5.70 8.17
C LYS A 12 -12.48 4.29 8.74
N VAL A 13 -11.60 3.38 8.33
CA VAL A 13 -11.68 2.00 8.83
C VAL A 13 -10.91 1.88 10.14
N GLU A 14 -9.85 2.66 10.29
CA GLU A 14 -9.04 2.64 11.51
C GLU A 14 -9.91 3.00 12.72
N GLY A 15 -10.90 3.86 12.50
CA GLY A 15 -11.78 4.28 13.58
C GLY A 15 -12.87 3.27 13.89
N CYS A 16 -12.72 2.06 13.37
CA CYS A 16 -13.70 1.00 13.62
C CYS A 16 -13.00 -0.24 14.16
N MET A 17 -11.68 -0.19 14.30
CA MET A 17 -10.94 -1.34 14.78
C MET A 17 -10.85 -1.42 16.30
N VAL A 18 -11.27 -2.56 16.84
CA VAL A 18 -11.22 -2.80 18.28
C VAL A 18 -10.62 -4.18 18.54
N GLN A 19 -10.15 -4.38 19.78
CA GLN A 19 -9.57 -5.65 20.17
C GLN A 19 -10.62 -6.46 20.92
N VAL A 20 -10.71 -7.75 20.62
CA VAL A 20 -11.66 -8.62 21.29
C VAL A 20 -10.86 -9.76 21.90
N THR A 21 -11.15 -10.04 23.17
CA THR A 21 -10.44 -11.07 23.91
C THR A 21 -11.39 -12.01 24.64
N CYS A 22 -11.21 -13.30 24.40
CA CYS A 22 -12.03 -14.31 25.03
C CYS A 22 -11.08 -15.18 25.80
N GLY A 23 -10.98 -14.91 27.09
CA GLY A 23 -10.08 -15.67 27.93
C GLY A 23 -8.67 -15.24 27.61
N THR A 24 -7.96 -16.09 26.89
CA THR A 24 -6.57 -15.82 26.52
C THR A 24 -6.45 -15.69 25.01
N THR A 25 -7.58 -15.86 24.32
CA THR A 25 -7.64 -15.75 22.87
C THR A 25 -8.00 -14.31 22.53
N THR A 26 -7.13 -13.64 21.77
CA THR A 26 -7.38 -12.25 21.41
C THR A 26 -7.31 -12.04 19.89
N LEU A 27 -8.13 -11.11 19.39
CA LEU A 27 -8.14 -10.80 17.97
C LEU A 27 -8.76 -9.43 17.69
N ASN A 28 -8.92 -9.11 16.43
CA ASN A 28 -9.45 -7.82 16.01
C ASN A 28 -10.96 -7.82 15.76
N GLY A 29 -11.59 -6.70 16.06
CA GLY A 29 -13.02 -6.57 15.85
C GLY A 29 -13.36 -5.32 15.06
N LEU A 30 -14.49 -5.37 14.35
CA LEU A 30 -14.98 -4.25 13.53
C LEU A 30 -16.17 -3.64 14.29
N TRP A 31 -16.02 -2.37 14.67
CA TRP A 31 -17.03 -1.64 15.43
C TRP A 31 -17.84 -0.64 14.60
N LEU A 32 -19.09 -1.00 14.30
CA LEU A 32 -20.00 -0.15 13.53
C LEU A 32 -21.26 0.04 14.39
N ASP A 33 -21.61 1.30 14.62
CA ASP A 33 -22.76 1.63 15.46
C ASP A 33 -22.61 0.85 16.75
N ASP A 34 -23.69 0.27 17.28
CA ASP A 34 -23.62 -0.47 18.54
C ASP A 34 -23.38 -1.97 18.37
N THR A 35 -22.54 -2.33 17.42
CA THR A 35 -22.22 -3.73 17.17
C THR A 35 -20.75 -3.88 16.83
N VAL A 36 -20.17 -5.00 17.28
CA VAL A 36 -18.77 -5.31 16.99
C VAL A 36 -18.81 -6.64 16.24
N TYR A 37 -18.13 -6.73 15.11
CA TYR A 37 -18.07 -7.97 14.33
C TYR A 37 -16.67 -8.58 14.44
N CYS A 38 -16.58 -9.89 14.61
CA CYS A 38 -15.28 -10.55 14.72
C CYS A 38 -15.40 -12.03 14.40
N PRO A 39 -14.29 -12.69 14.07
CA PRO A 39 -14.34 -14.13 13.75
C PRO A 39 -14.75 -14.93 14.98
N ARG A 40 -15.65 -15.90 14.82
CA ARG A 40 -16.08 -16.71 15.95
C ARG A 40 -14.91 -17.46 16.58
N ALA A 41 -13.83 -17.58 15.81
CA ALA A 41 -12.63 -18.26 16.28
C ALA A 41 -12.16 -17.68 17.63
N VAL A 42 -12.66 -16.49 17.98
CA VAL A 42 -12.27 -15.86 19.23
C VAL A 42 -12.69 -16.69 20.46
N ILE A 43 -13.84 -17.35 20.37
CA ILE A 43 -14.34 -18.15 21.49
C ILE A 43 -13.67 -19.51 21.50
N CYS A 44 -12.57 -19.62 20.77
CA CYS A 44 -11.82 -20.86 20.74
C CYS A 44 -10.75 -20.82 21.80
N THR A 45 -10.37 -22.00 22.26
CA THR A 45 -9.34 -22.15 23.26
C THR A 45 -8.24 -22.93 22.55
N ALA A 46 -7.02 -22.82 23.05
CA ALA A 46 -5.87 -23.49 22.44
C ALA A 46 -5.97 -24.98 22.09
N GLU A 47 -6.59 -25.79 22.93
CA GLU A 47 -6.68 -27.22 22.66
C GLU A 47 -7.90 -27.60 21.83
N ASP A 48 -8.75 -26.61 21.56
CA ASP A 48 -9.95 -26.88 20.77
C ASP A 48 -10.01 -26.01 19.52
N MET A 49 -9.04 -26.19 18.64
CA MET A 49 -8.99 -25.42 17.40
C MET A 49 -9.02 -26.29 16.14
N LEU A 50 -9.08 -27.61 16.32
CA LEU A 50 -9.12 -28.56 15.21
C LEU A 50 -10.53 -28.67 14.67
N ASN A 51 -11.46 -29.11 15.52
CA ASN A 51 -12.84 -29.21 15.10
C ASN A 51 -13.75 -28.65 16.18
N PRO A 52 -13.60 -27.34 16.47
CA PRO A 52 -14.39 -26.64 17.49
C PRO A 52 -15.87 -26.62 17.16
N ASN A 53 -16.69 -27.17 18.04
CA ASN A 53 -18.12 -27.09 17.78
C ASN A 53 -18.48 -25.74 18.34
N TYR A 54 -18.60 -24.76 17.45
CA TYR A 54 -18.91 -23.41 17.87
C TYR A 54 -20.23 -23.28 18.60
N GLU A 55 -21.32 -23.77 18.01
CA GLU A 55 -22.62 -23.67 18.66
C GLU A 55 -22.54 -24.02 20.14
N ASP A 56 -21.76 -25.05 20.46
CA ASP A 56 -21.62 -25.48 21.85
C ASP A 56 -20.72 -24.55 22.67
N LEU A 57 -19.59 -24.15 22.10
CA LEU A 57 -18.68 -23.26 22.80
C LEU A 57 -19.33 -21.92 23.10
N LEU A 58 -20.27 -21.51 22.24
CA LEU A 58 -20.94 -20.23 22.43
C LEU A 58 -21.98 -20.31 23.53
N ILE A 59 -22.59 -21.48 23.68
CA ILE A 59 -23.61 -21.69 24.70
C ILE A 59 -23.09 -21.48 26.11
N ARG A 60 -21.82 -21.78 26.34
CA ARG A 60 -21.23 -21.63 27.66
C ARG A 60 -20.57 -20.27 27.86
N LYS A 61 -20.81 -19.35 26.94
CA LYS A 61 -20.27 -18.00 27.02
C LYS A 61 -21.39 -17.04 27.38
N SER A 62 -21.03 -15.92 28.01
CA SER A 62 -22.00 -14.89 28.37
C SER A 62 -21.38 -13.57 27.96
N ASN A 63 -22.15 -12.50 28.03
CA ASN A 63 -21.62 -11.20 27.65
C ASN A 63 -20.34 -10.86 28.43
N HIS A 64 -20.24 -11.36 29.65
CA HIS A 64 -19.05 -11.09 30.46
C HIS A 64 -17.84 -11.86 29.94
N SER A 65 -18.09 -12.88 29.12
CA SER A 65 -17.02 -13.68 28.54
C SER A 65 -16.19 -12.90 27.52
N PHE A 66 -16.77 -11.81 27.02
CA PHE A 66 -16.09 -11.00 26.01
C PHE A 66 -15.52 -9.69 26.53
N LEU A 67 -14.24 -9.48 26.31
CA LEU A 67 -13.55 -8.28 26.70
C LEU A 67 -13.26 -7.51 25.42
N VAL A 68 -14.07 -6.49 25.16
CA VAL A 68 -13.91 -5.67 23.96
C VAL A 68 -13.22 -4.36 24.33
N GLN A 69 -12.01 -4.15 23.81
CA GLN A 69 -11.29 -2.92 24.12
C GLN A 69 -11.03 -2.05 22.89
N ALA A 70 -11.10 -0.74 23.11
CA ALA A 70 -10.85 0.26 22.08
C ALA A 70 -9.96 1.24 22.83
N GLY A 71 -8.67 1.22 22.51
CA GLY A 71 -7.76 2.09 23.23
C GLY A 71 -7.70 1.59 24.66
N ASN A 72 -7.80 2.51 25.61
CA ASN A 72 -7.76 2.15 27.02
C ASN A 72 -9.15 1.75 27.48
N VAL A 73 -10.16 2.36 26.88
CA VAL A 73 -11.55 2.10 27.23
C VAL A 73 -12.00 0.68 26.96
N GLN A 74 -12.94 0.21 27.76
CA GLN A 74 -13.50 -1.13 27.61
C GLN A 74 -14.94 -0.97 27.18
N LEU A 75 -15.32 -1.63 26.09
CA LEU A 75 -16.68 -1.56 25.58
C LEU A 75 -17.49 -2.69 26.19
N ARG A 76 -18.51 -2.33 26.97
CA ARG A 76 -19.37 -3.32 27.62
C ARG A 76 -20.32 -3.98 26.61
N VAL A 77 -20.19 -5.30 26.49
CA VAL A 77 -21.03 -6.08 25.60
C VAL A 77 -22.31 -6.41 26.33
N ILE A 78 -23.44 -6.13 25.69
CA ILE A 78 -24.75 -6.39 26.28
C ILE A 78 -25.59 -7.35 25.44
N GLY A 79 -24.93 -8.14 24.61
CA GLY A 79 -25.64 -9.09 23.76
C GLY A 79 -24.68 -9.80 22.82
N HIS A 80 -24.94 -11.08 22.55
CA HIS A 80 -24.08 -11.83 21.65
C HIS A 80 -24.84 -12.89 20.86
N SER A 81 -24.50 -13.01 19.58
CA SER A 81 -25.13 -13.98 18.69
C SER A 81 -24.14 -14.34 17.58
N MET A 82 -24.36 -15.49 16.97
CA MET A 82 -23.48 -15.96 15.91
C MET A 82 -24.16 -15.92 14.53
N GLN A 83 -23.41 -15.51 13.52
CA GLN A 83 -23.89 -15.45 12.15
C GLN A 83 -22.84 -16.06 11.25
N ASN A 84 -23.02 -17.33 10.92
CA ASN A 84 -22.07 -18.07 10.10
C ASN A 84 -20.74 -18.09 10.86
N CYS A 85 -19.64 -17.68 10.24
CA CYS A 85 -18.38 -17.73 10.98
C CYS A 85 -18.08 -16.49 11.83
N LEU A 86 -19.05 -15.61 11.99
CA LEU A 86 -18.84 -14.41 12.79
C LEU A 86 -19.73 -14.34 14.03
N LEU A 87 -19.31 -13.51 14.97
CA LEU A 87 -20.07 -13.28 16.19
C LEU A 87 -20.48 -11.82 16.14
N ARG A 88 -21.71 -11.53 16.58
CA ARG A 88 -22.17 -10.15 16.58
C ARG A 88 -22.37 -9.78 18.04
N LEU A 89 -21.39 -9.07 18.58
CA LEU A 89 -21.42 -8.64 19.96
C LEU A 89 -22.04 -7.26 20.07
N LYS A 90 -23.22 -7.17 20.69
CA LYS A 90 -23.85 -5.86 20.85
C LYS A 90 -23.19 -5.16 22.03
N VAL A 91 -22.87 -3.88 21.83
CA VAL A 91 -22.23 -3.11 22.89
C VAL A 91 -23.12 -1.95 23.31
N ASP A 92 -22.87 -1.40 24.50
CA ASP A 92 -23.69 -0.31 24.98
C ASP A 92 -23.28 1.05 24.46
N THR A 93 -22.27 1.10 23.60
CA THR A 93 -21.81 2.37 23.05
C THR A 93 -21.74 2.33 21.53
N SER A 94 -22.49 3.21 20.89
CA SER A 94 -22.51 3.30 19.43
C SER A 94 -21.23 3.99 19.00
N ASN A 95 -20.47 3.36 18.11
CA ASN A 95 -19.18 3.91 17.64
C ASN A 95 -19.28 5.31 17.05
N PRO A 96 -18.69 6.29 17.74
CA PRO A 96 -18.68 7.69 17.31
C PRO A 96 -17.99 7.93 15.96
N LYS A 97 -17.16 6.98 15.53
CA LYS A 97 -16.45 7.11 14.24
C LYS A 97 -17.07 6.25 13.12
N THR A 98 -18.24 5.68 13.36
CA THR A 98 -18.88 4.88 12.33
C THR A 98 -18.96 5.67 11.03
N PRO A 99 -18.40 5.13 9.95
CA PRO A 99 -18.48 5.89 8.69
C PRO A 99 -19.66 5.35 7.89
N LYS A 100 -20.16 6.12 6.92
CA LYS A 100 -21.25 5.61 6.09
C LYS A 100 -20.66 4.34 5.49
N TYR A 101 -21.41 3.23 5.46
CA TYR A 101 -20.86 1.98 4.95
C TYR A 101 -21.88 0.96 4.41
N LYS A 102 -21.35 -0.12 3.85
CA LYS A 102 -22.14 -1.22 3.31
C LYS A 102 -21.32 -2.51 3.48
N PHE A 103 -22.00 -3.65 3.41
CA PHE A 103 -21.33 -4.94 3.45
C PHE A 103 -21.61 -5.46 2.04
N VAL A 104 -20.57 -5.87 1.33
CA VAL A 104 -20.75 -6.39 -0.02
C VAL A 104 -19.84 -7.60 -0.23
N ARG A 105 -20.38 -8.65 -0.86
CA ARG A 105 -19.58 -9.84 -1.12
C ARG A 105 -18.89 -9.61 -2.45
N ILE A 106 -17.56 -9.55 -2.40
CA ILE A 106 -16.74 -9.31 -3.58
C ILE A 106 -16.67 -10.56 -4.47
N GLN A 107 -16.30 -10.39 -5.74
CA GLN A 107 -16.19 -11.52 -6.66
C GLN A 107 -14.73 -11.82 -7.00
N PRO A 108 -14.45 -13.04 -7.49
CA PRO A 108 -13.08 -13.43 -7.86
C PRO A 108 -12.46 -12.44 -8.85
N GLY A 109 -11.21 -12.06 -8.62
CA GLY A 109 -10.54 -11.14 -9.51
C GLY A 109 -10.61 -9.71 -9.03
N GLN A 110 -11.65 -9.38 -8.25
CA GLN A 110 -11.81 -8.02 -7.74
C GLN A 110 -10.83 -7.70 -6.62
N THR A 111 -10.60 -6.41 -6.38
CA THR A 111 -9.66 -6.00 -5.36
C THR A 111 -10.24 -5.18 -4.24
N PHE A 112 -9.44 -4.99 -3.20
CA PHE A 112 -9.84 -4.22 -2.03
C PHE A 112 -8.60 -3.87 -1.22
N SER A 113 -8.75 -2.98 -0.26
CA SER A 113 -7.68 -2.57 0.62
C SER A 113 -7.78 -3.32 1.94
N VAL A 114 -6.66 -3.84 2.40
CA VAL A 114 -6.60 -4.57 3.65
C VAL A 114 -5.91 -3.75 4.74
N LEU A 115 -6.52 -3.69 5.91
CA LEU A 115 -5.91 -2.99 7.02
C LEU A 115 -5.49 -4.09 7.99
N ALA A 116 -4.21 -4.43 7.97
CA ALA A 116 -3.67 -5.46 8.83
C ALA A 116 -3.65 -4.96 10.27
N CYS A 117 -4.28 -5.70 11.18
CA CYS A 117 -4.32 -5.28 12.59
C CYS A 117 -3.89 -6.36 13.60
N TYR A 118 -3.44 -5.90 14.76
CA TYR A 118 -3.00 -6.77 15.84
C TYR A 118 -3.43 -6.13 17.14
N ASN A 119 -4.02 -6.93 18.02
CA ASN A 119 -4.50 -6.46 19.33
C ASN A 119 -5.44 -5.27 19.21
N GLY A 120 -6.22 -5.25 18.13
CA GLY A 120 -7.17 -4.18 17.90
C GLY A 120 -6.51 -2.91 17.37
N SER A 121 -5.22 -2.97 17.09
CA SER A 121 -4.51 -1.80 16.59
C SER A 121 -3.97 -1.98 15.17
N PRO A 122 -4.25 -1.02 14.29
CA PRO A 122 -3.83 -1.00 12.88
C PRO A 122 -2.32 -0.88 12.68
N SER A 123 -1.76 -1.82 11.92
CA SER A 123 -0.32 -1.85 11.66
C SER A 123 0.10 -1.43 10.25
N GLY A 124 -0.70 -1.76 9.26
CA GLY A 124 -0.34 -1.42 7.89
C GLY A 124 -1.49 -1.69 6.96
N VAL A 125 -1.49 -1.05 5.80
CA VAL A 125 -2.56 -1.25 4.86
C VAL A 125 -1.97 -1.51 3.48
N TYR A 126 -2.51 -2.51 2.79
CA TYR A 126 -2.02 -2.88 1.45
C TYR A 126 -3.09 -3.36 0.50
N GLN A 127 -2.73 -3.47 -0.77
CA GLN A 127 -3.66 -3.93 -1.80
C GLN A 127 -3.48 -5.40 -2.11
N CYS A 128 -4.60 -6.06 -2.39
CA CYS A 128 -4.58 -7.46 -2.77
C CYS A 128 -5.86 -7.70 -3.59
N ALA A 129 -5.94 -8.86 -4.23
CA ALA A 129 -7.10 -9.18 -5.04
C ALA A 129 -7.67 -10.52 -4.61
N MET A 130 -8.95 -10.74 -4.87
CA MET A 130 -9.58 -12.01 -4.53
C MET A 130 -9.21 -12.93 -5.67
N ARG A 131 -8.28 -13.83 -5.40
CA ARG A 131 -7.82 -14.78 -6.39
C ARG A 131 -8.95 -15.63 -6.94
N PRO A 132 -8.79 -16.12 -8.17
CA PRO A 132 -9.79 -16.97 -8.85
C PRO A 132 -10.05 -18.25 -8.06
N ASN A 133 -9.08 -18.68 -7.26
CA ASN A 133 -9.25 -19.90 -6.45
C ASN A 133 -9.88 -19.55 -5.13
N HIS A 134 -10.35 -18.30 -5.02
CA HIS A 134 -11.02 -17.80 -3.82
C HIS A 134 -10.15 -17.52 -2.59
N THR A 135 -8.86 -17.28 -2.78
CA THR A 135 -7.96 -16.98 -1.68
C THR A 135 -7.30 -15.63 -1.92
N ILE A 136 -6.48 -15.16 -0.98
CA ILE A 136 -5.80 -13.88 -1.18
C ILE A 136 -4.33 -13.89 -0.73
N LYS A 137 -3.45 -13.45 -1.63
CA LYS A 137 -2.02 -13.41 -1.33
C LYS A 137 -1.75 -12.18 -0.47
N GLY A 138 -1.92 -12.31 0.84
CA GLY A 138 -1.68 -11.18 1.70
C GLY A 138 -0.49 -11.36 2.62
N SER A 139 -0.45 -10.55 3.67
CA SER A 139 0.62 -10.62 4.65
C SER A 139 0.00 -10.51 6.03
N PHE A 140 -0.22 -11.66 6.66
CA PHE A 140 -0.83 -11.71 7.99
C PHE A 140 -0.03 -12.64 8.93
N LEU A 141 0.21 -12.19 10.16
CA LEU A 141 0.90 -13.03 11.14
C LEU A 141 -0.18 -13.43 12.14
N ASN A 142 0.18 -14.20 13.16
CA ASN A 142 -0.83 -14.57 14.13
C ASN A 142 -1.26 -13.29 14.84
N GLY A 143 -2.56 -13.17 15.07
CA GLY A 143 -3.09 -11.99 15.71
C GLY A 143 -3.83 -11.14 14.70
N SER A 144 -3.54 -11.35 13.40
CA SER A 144 -4.17 -10.58 12.33
C SER A 144 -5.64 -10.95 12.14
N CYS A 145 -6.04 -12.05 12.74
CA CYS A 145 -7.42 -12.51 12.66
C CYS A 145 -8.32 -11.32 13.00
N GLY A 146 -9.33 -11.10 12.16
CA GLY A 146 -10.22 -9.98 12.41
C GLY A 146 -9.99 -8.82 11.46
N SER A 147 -8.78 -8.73 10.89
CA SER A 147 -8.48 -7.64 9.98
C SER A 147 -9.53 -7.62 8.87
N VAL A 148 -9.81 -6.45 8.32
CA VAL A 148 -10.83 -6.34 7.28
C VAL A 148 -10.36 -5.76 5.95
N GLY A 149 -11.08 -6.13 4.89
CA GLY A 149 -10.76 -5.64 3.56
C GLY A 149 -11.90 -4.73 3.15
N PHE A 150 -11.59 -3.67 2.40
CA PHE A 150 -12.64 -2.73 2.00
C PHE A 150 -12.34 -1.93 0.75
N ASN A 151 -13.36 -1.22 0.28
CA ASN A 151 -13.28 -0.33 -0.87
C ASN A 151 -14.02 0.94 -0.45
N ILE A 152 -13.99 1.98 -1.27
CA ILE A 152 -14.71 3.21 -0.96
C ILE A 152 -15.41 3.79 -2.17
N ASP A 153 -16.60 4.35 -1.95
CA ASP A 153 -17.40 4.97 -3.01
C ASP A 153 -17.83 6.35 -2.57
N TYR A 154 -17.16 7.37 -3.09
CA TYR A 154 -17.47 8.74 -2.73
C TYR A 154 -17.28 8.91 -1.22
N ASP A 155 -18.32 8.54 -0.49
CA ASP A 155 -18.37 8.66 0.96
C ASP A 155 -18.61 7.32 1.67
N CYS A 156 -18.99 6.30 0.92
CA CYS A 156 -19.29 5.00 1.51
C CYS A 156 -18.15 3.99 1.55
N VAL A 157 -17.99 3.35 2.70
CA VAL A 157 -16.97 2.32 2.83
C VAL A 157 -17.64 0.98 2.60
N SER A 158 -17.12 0.21 1.66
CA SER A 158 -17.69 -1.10 1.35
C SER A 158 -16.85 -2.24 1.90
N PHE A 159 -17.17 -2.65 3.12
CA PHE A 159 -16.48 -3.74 3.77
C PHE A 159 -16.80 -5.02 3.01
N CYS A 160 -15.77 -5.73 2.57
CA CYS A 160 -15.98 -6.96 1.82
C CYS A 160 -15.18 -8.14 2.32
N TYR A 161 -14.28 -7.93 3.27
CA TYR A 161 -13.46 -9.06 3.75
C TYR A 161 -13.05 -9.00 5.22
N MET A 162 -13.09 -10.14 5.89
CA MET A 162 -12.63 -10.26 7.27
C MET A 162 -11.75 -11.50 7.29
N HIS A 163 -10.48 -11.28 7.62
CA HIS A 163 -9.50 -12.36 7.64
C HIS A 163 -9.70 -13.39 8.74
N HIS A 164 -9.44 -14.65 8.42
CA HIS A 164 -9.60 -15.71 9.39
C HIS A 164 -8.37 -16.59 9.52
N MET A 165 -7.88 -17.09 8.40
CA MET A 165 -6.75 -17.98 8.47
C MET A 165 -5.74 -17.98 7.30
N GLU A 166 -4.67 -18.73 7.50
CA GLU A 166 -3.62 -18.88 6.50
C GLU A 166 -3.56 -20.34 6.09
N LEU A 167 -3.49 -20.58 4.79
CA LEU A 167 -3.43 -21.93 4.28
C LEU A 167 -1.98 -22.37 4.18
N PRO A 168 -1.74 -23.69 4.11
CA PRO A 168 -0.38 -24.19 4.01
C PRO A 168 0.33 -23.67 2.76
N THR A 169 -0.43 -23.01 1.89
CA THR A 169 0.12 -22.46 0.65
C THR A 169 0.80 -21.12 0.97
N GLY A 170 0.61 -20.65 2.20
CA GLY A 170 1.17 -19.36 2.61
C GLY A 170 0.20 -18.29 2.15
N VAL A 171 -0.99 -18.74 1.76
CA VAL A 171 -2.07 -17.90 1.27
C VAL A 171 -3.13 -17.75 2.37
N HIS A 172 -4.09 -16.86 2.17
CA HIS A 172 -5.11 -16.61 3.18
C HIS A 172 -6.57 -16.79 2.76
N ALA A 173 -7.42 -17.04 3.74
CA ALA A 173 -8.84 -17.24 3.51
C ALA A 173 -9.62 -16.50 4.59
N GLY A 174 -10.78 -15.94 4.19
CA GLY A 174 -11.59 -15.19 5.11
C GLY A 174 -13.05 -15.19 4.70
N THR A 175 -13.84 -14.33 5.33
CA THR A 175 -15.26 -14.26 5.05
C THR A 175 -15.73 -12.86 4.67
N ASP A 176 -16.99 -12.76 4.23
CA ASP A 176 -17.56 -11.46 3.90
C ASP A 176 -18.04 -10.96 5.27
N LEU A 177 -18.57 -9.75 5.36
CA LEU A 177 -19.00 -9.27 6.66
C LEU A 177 -20.33 -9.85 7.11
N GLU A 178 -20.63 -11.03 6.59
CA GLU A 178 -21.85 -11.73 6.94
C GLU A 178 -21.42 -13.09 7.50
N GLY A 179 -20.11 -13.31 7.46
CA GLY A 179 -19.56 -14.55 8.00
C GLY A 179 -19.44 -15.71 7.03
N LYS A 180 -20.00 -15.54 5.83
CA LYS A 180 -19.91 -16.60 4.83
C LYS A 180 -18.53 -16.56 4.22
N PHE A 181 -17.90 -17.73 4.10
CA PHE A 181 -16.57 -17.82 3.52
C PHE A 181 -16.51 -17.67 2.02
N TYR A 182 -15.35 -17.17 1.56
CA TYR A 182 -15.07 -17.02 0.15
C TYR A 182 -14.36 -18.33 -0.18
N GLY A 183 -14.92 -19.12 -1.08
CA GLY A 183 -14.29 -20.38 -1.40
C GLY A 183 -14.81 -21.50 -0.53
N PRO A 184 -14.25 -22.72 -0.65
CA PRO A 184 -14.66 -23.90 0.11
C PRO A 184 -13.94 -24.03 1.43
N PHE A 185 -13.66 -22.93 2.09
CA PHE A 185 -12.93 -23.05 3.34
C PHE A 185 -13.79 -22.99 4.59
N VAL A 186 -13.29 -23.66 5.64
CA VAL A 186 -13.97 -23.69 6.93
C VAL A 186 -13.01 -23.19 8.01
N ASP A 187 -13.55 -22.49 9.01
CA ASP A 187 -12.72 -21.93 10.07
C ASP A 187 -12.30 -22.90 11.17
N ARG A 188 -11.62 -23.96 10.77
CA ARG A 188 -11.11 -24.96 11.69
C ARG A 188 -9.70 -25.36 11.25
N GLN A 189 -8.87 -25.78 12.20
CA GLN A 189 -7.50 -26.14 11.88
C GLN A 189 -7.32 -27.57 11.38
N THR A 190 -7.91 -27.83 10.22
CA THR A 190 -7.83 -29.14 9.58
C THR A 190 -6.96 -28.98 8.36
N ALA A 191 -6.81 -30.05 7.59
CA ALA A 191 -6.01 -30.00 6.39
C ALA A 191 -6.88 -29.55 5.22
N GLN A 192 -6.72 -28.29 4.83
CA GLN A 192 -7.46 -27.73 3.72
C GLN A 192 -6.43 -27.17 2.76
N ALA A 193 -6.68 -27.31 1.45
CA ALA A 193 -5.73 -26.80 0.47
C ALA A 193 -6.41 -25.92 -0.58
N ALA A 194 -5.72 -24.87 -1.01
CA ALA A 194 -6.24 -23.96 -2.02
C ALA A 194 -6.23 -24.69 -3.35
N GLY A 195 -7.14 -24.33 -4.22
CA GLY A 195 -7.17 -24.95 -5.54
C GLY A 195 -6.10 -24.28 -6.37
N THR A 196 -5.82 -24.81 -7.56
CA THR A 196 -4.81 -24.20 -8.41
C THR A 196 -5.34 -22.84 -8.82
N ASP A 197 -4.45 -21.86 -8.86
CA ASP A 197 -4.82 -20.48 -9.21
C ASP A 197 -4.47 -20.12 -10.65
N THR A 198 -5.21 -19.17 -11.21
CA THR A 198 -4.95 -18.70 -12.58
C THR A 198 -4.78 -17.19 -12.59
N THR A 199 -4.23 -16.68 -13.69
CA THR A 199 -4.01 -15.24 -13.86
C THR A 199 -5.32 -14.56 -14.21
N ILE A 200 -5.61 -13.46 -13.51
CA ILE A 200 -6.84 -12.70 -13.74
C ILE A 200 -6.71 -11.95 -15.05
N THR A 201 -7.14 -12.57 -16.14
CA THR A 201 -7.05 -11.97 -17.46
C THR A 201 -7.71 -10.60 -17.54
N LEU A 202 -8.89 -10.50 -16.94
CA LEU A 202 -9.60 -9.23 -16.94
C LEU A 202 -8.70 -8.10 -16.46
N ASN A 203 -8.02 -8.33 -15.34
CA ASN A 203 -7.12 -7.32 -14.77
C ASN A 203 -5.88 -7.03 -15.60
N VAL A 204 -5.29 -8.05 -16.23
CA VAL A 204 -4.11 -7.84 -17.07
C VAL A 204 -4.46 -6.86 -18.19
N LEU A 205 -5.63 -7.05 -18.81
CA LEU A 205 -6.08 -6.17 -19.86
C LEU A 205 -6.28 -4.77 -19.29
N ALA A 206 -6.87 -4.68 -18.09
CA ALA A 206 -7.10 -3.38 -17.47
C ALA A 206 -5.77 -2.69 -17.34
N TRP A 207 -4.78 -3.46 -16.91
CA TRP A 207 -3.43 -2.97 -16.72
C TRP A 207 -2.88 -2.44 -18.03
N LEU A 208 -3.00 -3.24 -19.10
CA LEU A 208 -2.53 -2.85 -20.42
C LEU A 208 -3.13 -1.51 -20.85
N TYR A 209 -4.43 -1.33 -20.58
CA TYR A 209 -5.08 -0.07 -20.90
C TYR A 209 -4.38 1.04 -20.12
N ALA A 210 -4.11 0.77 -18.84
CA ALA A 210 -3.44 1.75 -18.00
C ALA A 210 -2.10 2.11 -18.62
N ALA A 211 -1.40 1.09 -19.11
CA ALA A 211 -0.12 1.32 -19.75
C ALA A 211 -0.37 2.30 -20.87
N VAL A 212 -1.34 2.00 -21.71
CA VAL A 212 -1.64 2.87 -22.83
C VAL A 212 -2.04 4.25 -22.36
N ILE A 213 -2.94 4.34 -21.41
CA ILE A 213 -3.37 5.64 -20.95
C ILE A 213 -2.19 6.51 -20.51
N ASN A 214 -1.13 5.90 -19.97
CA ASN A 214 0.05 6.65 -19.55
C ASN A 214 1.08 6.81 -20.67
N GLY A 215 0.64 6.59 -21.91
CA GLY A 215 1.52 6.72 -23.06
C GLY A 215 2.56 5.63 -23.30
N ASP A 216 2.40 4.48 -22.67
CA ASP A 216 3.34 3.36 -22.85
C ASP A 216 2.60 2.32 -23.70
N ARG A 217 2.67 2.46 -25.02
CA ARG A 217 1.94 1.56 -25.93
C ARG A 217 2.67 0.84 -27.05
N TRP A 218 3.94 0.55 -26.88
CA TRP A 218 4.69 -0.15 -27.93
C TRP A 218 4.12 -1.52 -28.26
N PHE A 219 3.45 -2.14 -27.29
CA PHE A 219 2.93 -3.49 -27.49
C PHE A 219 1.72 -3.59 -28.38
N LEU A 220 1.05 -2.46 -28.62
CA LEU A 220 -0.13 -2.48 -29.48
C LEU A 220 0.21 -2.92 -30.89
N ASN A 221 -0.74 -3.60 -31.53
CA ASN A 221 -0.54 -4.04 -32.89
C ASN A 221 -1.68 -3.61 -33.80
N ARG A 222 -1.55 -4.00 -35.05
CA ARG A 222 -2.49 -3.65 -36.10
C ARG A 222 -3.67 -4.63 -36.27
N PHE A 223 -3.67 -5.75 -35.54
CA PHE A 223 -4.72 -6.74 -35.70
C PHE A 223 -5.74 -6.86 -34.57
N THR A 224 -6.56 -7.90 -34.67
CA THR A 224 -7.59 -8.19 -33.68
C THR A 224 -7.70 -9.70 -33.57
N THR A 225 -8.52 -10.19 -32.66
CA THR A 225 -8.66 -11.63 -32.49
C THR A 225 -10.07 -11.98 -32.06
N THR A 226 -10.28 -13.26 -31.80
CA THR A 226 -11.55 -13.80 -31.34
C THR A 226 -11.35 -14.25 -29.89
N LEU A 227 -12.44 -14.36 -29.14
CA LEU A 227 -12.35 -14.82 -27.75
C LEU A 227 -11.82 -16.24 -27.78
N ASN A 228 -12.26 -17.00 -28.78
CA ASN A 228 -11.81 -18.38 -28.92
C ASN A 228 -10.30 -18.44 -29.12
N ASP A 229 -9.83 -17.83 -30.19
CA ASP A 229 -8.42 -17.85 -30.49
C ASP A 229 -7.59 -17.34 -29.32
N PHE A 230 -8.11 -16.33 -28.63
CA PHE A 230 -7.40 -15.77 -27.50
C PHE A 230 -7.31 -16.76 -26.34
N ASN A 231 -8.46 -17.31 -25.96
CA ASN A 231 -8.52 -18.27 -24.87
C ASN A 231 -7.60 -19.43 -25.12
N LEU A 232 -7.45 -19.82 -26.37
CA LEU A 232 -6.59 -20.94 -26.74
C LEU A 232 -5.14 -20.65 -26.37
N VAL A 233 -4.70 -19.42 -26.60
CA VAL A 233 -3.33 -19.05 -26.25
C VAL A 233 -3.33 -18.86 -24.73
N ALA A 234 -4.40 -18.27 -24.22
CA ALA A 234 -4.56 -18.02 -22.80
C ALA A 234 -4.36 -19.25 -21.92
N MET A 235 -5.03 -20.37 -22.26
CA MET A 235 -4.89 -21.56 -21.43
C MET A 235 -3.48 -22.08 -21.38
N LYS A 236 -2.71 -21.87 -22.44
CA LYS A 236 -1.33 -22.31 -22.45
C LYS A 236 -0.65 -21.66 -21.24
N TYR A 237 -0.80 -20.34 -21.13
CA TYR A 237 -0.19 -19.55 -20.06
C TYR A 237 -0.96 -19.49 -18.74
N ASN A 238 -2.00 -20.30 -18.60
CA ASN A 238 -2.78 -20.34 -17.37
C ASN A 238 -3.66 -19.11 -17.08
N TYR A 239 -4.09 -18.44 -18.14
CA TYR A 239 -4.94 -17.27 -17.99
C TYR A 239 -6.39 -17.65 -17.79
N GLU A 240 -7.12 -16.80 -17.09
CA GLU A 240 -8.53 -17.01 -16.87
C GLU A 240 -9.17 -16.90 -18.24
N PRO A 241 -10.09 -17.81 -18.59
CA PRO A 241 -10.69 -17.64 -19.90
C PRO A 241 -11.43 -16.31 -19.88
N LEU A 242 -11.31 -15.54 -20.96
CA LEU A 242 -11.97 -14.24 -21.03
C LEU A 242 -13.39 -14.41 -21.54
N THR A 243 -14.36 -13.72 -20.91
CA THR A 243 -15.75 -13.81 -21.34
C THR A 243 -16.27 -12.50 -21.89
N GLN A 244 -17.43 -12.59 -22.55
CA GLN A 244 -18.09 -11.43 -23.12
C GLN A 244 -18.37 -10.44 -21.99
N ASP A 245 -18.79 -10.96 -20.84
CA ASP A 245 -19.07 -10.09 -19.70
C ASP A 245 -17.80 -9.32 -19.35
N HIS A 246 -16.67 -10.01 -19.32
CA HIS A 246 -15.39 -9.33 -19.00
C HIS A 246 -15.18 -8.17 -19.98
N VAL A 247 -15.40 -8.45 -21.25
CA VAL A 247 -15.24 -7.45 -22.30
C VAL A 247 -16.03 -6.20 -21.98
N ASP A 248 -17.28 -6.37 -21.52
CA ASP A 248 -18.13 -5.24 -21.19
C ASP A 248 -17.66 -4.46 -19.97
N ILE A 249 -16.97 -5.14 -19.06
CA ILE A 249 -16.47 -4.46 -17.85
C ILE A 249 -15.36 -3.51 -18.27
N LEU A 250 -14.60 -3.91 -19.28
CA LEU A 250 -13.49 -3.12 -19.81
C LEU A 250 -14.02 -2.01 -20.71
N GLY A 251 -15.35 -1.92 -20.81
CA GLY A 251 -15.99 -0.91 -21.63
C GLY A 251 -15.47 0.52 -21.48
N PRO A 252 -15.51 1.09 -20.27
CA PRO A 252 -15.03 2.47 -20.05
C PRO A 252 -13.59 2.67 -20.52
N LEU A 253 -12.70 1.79 -20.09
CA LEU A 253 -11.30 1.87 -20.47
C LEU A 253 -11.15 1.79 -21.99
N SER A 254 -11.86 0.84 -22.58
CA SER A 254 -11.84 0.63 -24.02
C SER A 254 -12.32 1.87 -24.78
N ALA A 255 -13.28 2.59 -24.21
CA ALA A 255 -13.83 3.78 -24.84
C ALA A 255 -12.93 5.00 -24.63
N GLN A 256 -12.29 5.08 -23.47
CA GLN A 256 -11.41 6.20 -23.16
C GLN A 256 -10.21 6.21 -24.10
N THR A 257 -9.70 5.01 -24.40
CA THR A 257 -8.53 4.86 -25.27
C THR A 257 -8.95 4.63 -26.71
N GLY A 258 -10.17 4.12 -26.89
CA GLY A 258 -10.67 3.85 -28.23
C GLY A 258 -10.06 2.59 -28.84
N ILE A 259 -9.56 1.71 -27.99
CA ILE A 259 -8.94 0.45 -28.42
C ILE A 259 -9.91 -0.64 -28.06
N ALA A 260 -10.46 -1.32 -29.06
CA ALA A 260 -11.42 -2.39 -28.80
C ALA A 260 -10.77 -3.47 -27.96
N VAL A 261 -11.56 -4.08 -27.06
CA VAL A 261 -11.07 -5.13 -26.18
C VAL A 261 -10.41 -6.27 -26.93
N LEU A 262 -11.02 -6.70 -28.03
CA LEU A 262 -10.44 -7.79 -28.80
C LEU A 262 -9.14 -7.37 -29.46
N ASP A 263 -8.98 -6.07 -29.68
CA ASP A 263 -7.75 -5.55 -30.28
C ASP A 263 -6.66 -5.67 -29.23
N MET A 264 -6.99 -5.28 -28.00
CA MET A 264 -6.02 -5.35 -26.92
C MET A 264 -5.62 -6.81 -26.71
N CYS A 265 -6.58 -7.72 -26.82
CA CYS A 265 -6.30 -9.15 -26.64
C CYS A 265 -5.26 -9.62 -27.65
N ALA A 266 -5.43 -9.18 -28.89
CA ALA A 266 -4.50 -9.56 -29.95
C ALA A 266 -3.11 -9.10 -29.54
N ALA A 267 -3.03 -7.93 -28.90
CA ALA A 267 -1.75 -7.41 -28.44
C ALA A 267 -1.23 -8.27 -27.29
N LEU A 268 -2.14 -8.72 -26.43
CA LEU A 268 -1.76 -9.55 -25.27
C LEU A 268 -1.35 -10.93 -25.76
N LYS A 269 -2.08 -11.44 -26.76
CA LYS A 269 -1.78 -12.76 -27.33
C LYS A 269 -0.33 -12.74 -27.79
N GLU A 270 0.04 -11.67 -28.49
CA GLU A 270 1.38 -11.51 -29.00
C GLU A 270 2.35 -11.29 -27.83
N LEU A 271 1.89 -10.62 -26.79
CA LEU A 271 2.72 -10.34 -25.62
C LEU A 271 3.05 -11.62 -24.84
N LEU A 272 2.20 -12.62 -24.98
CA LEU A 272 2.41 -13.89 -24.29
C LEU A 272 3.34 -14.81 -25.08
N GLN A 273 3.05 -15.00 -26.36
CA GLN A 273 3.83 -15.86 -27.22
C GLN A 273 5.27 -15.39 -27.44
N ASN A 274 5.50 -14.07 -27.48
CA ASN A 274 6.84 -13.55 -27.71
C ASN A 274 7.54 -13.13 -26.44
N GLY A 275 6.86 -12.31 -25.64
CA GLY A 275 7.45 -11.82 -24.42
C GLY A 275 7.72 -10.34 -24.60
N MET A 276 8.20 -9.69 -23.55
CA MET A 276 8.47 -8.27 -23.64
C MET A 276 9.76 -7.95 -24.38
N ASN A 277 10.66 -8.93 -24.45
CA ASN A 277 11.95 -8.74 -25.13
C ASN A 277 12.72 -7.60 -24.47
N GLY A 278 13.04 -7.78 -23.19
CA GLY A 278 13.77 -6.74 -22.47
C GLY A 278 12.98 -5.48 -22.24
N ARG A 279 11.88 -5.31 -22.97
CA ARG A 279 11.03 -4.13 -22.84
C ARG A 279 10.21 -4.16 -21.55
N THR A 280 9.75 -2.99 -21.13
CA THR A 280 8.93 -2.89 -19.92
C THR A 280 7.63 -2.13 -20.17
N ILE A 281 6.58 -2.54 -19.46
CA ILE A 281 5.28 -1.88 -19.57
C ILE A 281 5.03 -1.21 -18.22
N LEU A 282 4.78 0.10 -18.25
CA LEU A 282 4.56 0.85 -17.02
C LEU A 282 5.72 0.61 -16.05
N GLY A 283 6.93 0.63 -16.57
CA GLY A 283 8.10 0.41 -15.73
C GLY A 283 8.10 -0.93 -15.04
N SER A 284 7.50 -1.93 -15.70
CA SER A 284 7.43 -3.28 -15.15
C SER A 284 7.84 -4.31 -16.19
N THR A 285 8.35 -5.45 -15.72
CA THR A 285 8.80 -6.51 -16.62
C THR A 285 7.82 -7.67 -16.65
N ILE A 286 6.85 -7.66 -15.72
CA ILE A 286 5.86 -8.73 -15.67
C ILE A 286 4.48 -8.18 -16.01
N LEU A 287 3.57 -9.07 -16.38
CA LEU A 287 2.20 -8.65 -16.70
C LEU A 287 1.32 -8.65 -15.44
N GLU A 288 1.05 -7.46 -14.93
CA GLU A 288 0.23 -7.29 -13.72
C GLU A 288 -1.22 -7.77 -13.80
N ASP A 289 -1.66 -8.60 -12.84
CA ASP A 289 -3.05 -9.06 -12.85
C ASP A 289 -3.86 -8.67 -11.60
N GLU A 290 -3.39 -7.69 -10.83
CA GLU A 290 -4.13 -7.28 -9.65
C GLU A 290 -4.59 -5.83 -9.66
N PHE A 291 -4.98 -5.37 -10.84
CA PHE A 291 -5.48 -4.02 -11.05
C PHE A 291 -6.80 -4.14 -11.81
N THR A 292 -7.90 -3.86 -11.13
CA THR A 292 -9.21 -3.96 -11.78
C THR A 292 -9.43 -2.75 -12.68
N PRO A 293 -10.42 -2.81 -13.58
CA PRO A 293 -10.69 -1.67 -14.47
C PRO A 293 -11.00 -0.43 -13.63
N PHE A 294 -11.52 -0.66 -12.43
CA PHE A 294 -11.87 0.44 -11.54
C PHE A 294 -10.62 1.08 -10.96
N ASP A 295 -9.70 0.25 -10.48
CA ASP A 295 -8.46 0.80 -9.93
C ASP A 295 -7.76 1.64 -10.99
N VAL A 296 -7.64 1.10 -12.19
CA VAL A 296 -7.01 1.84 -13.28
C VAL A 296 -7.66 3.22 -13.39
N VAL A 297 -8.99 3.25 -13.47
CA VAL A 297 -9.72 4.52 -13.57
C VAL A 297 -9.45 5.39 -12.35
N ARG A 298 -9.54 4.78 -11.17
CA ARG A 298 -9.32 5.47 -9.91
C ARG A 298 -7.98 6.20 -9.84
N GLN A 299 -6.90 5.50 -10.16
CA GLN A 299 -5.56 6.06 -10.12
C GLN A 299 -5.21 7.08 -11.22
N CYS A 300 -5.80 6.93 -12.40
CA CYS A 300 -5.50 7.85 -13.48
C CYS A 300 -6.36 9.10 -13.45
N SER A 301 -7.43 9.08 -12.66
CA SER A 301 -8.31 10.23 -12.58
C SER A 301 -8.21 10.92 -11.21
N GLY A 302 -7.18 10.56 -10.45
CA GLY A 302 -6.97 11.15 -9.14
C GLY A 302 -8.19 11.28 -8.27
N VAL A 303 -9.07 10.29 -8.33
CA VAL A 303 -10.30 10.29 -7.54
C VAL A 303 -9.99 10.48 -6.05
N THR A 304 -10.71 11.39 -5.39
CA THR A 304 -10.51 11.64 -3.96
C THR A 304 -11.65 11.11 -3.10
N PHE A 305 -11.46 11.11 -1.78
CA PHE A 305 -12.47 10.60 -0.85
C PHE A 305 -12.63 11.48 0.38
N SER B 1 4.42 -17.83 0.14
CA SER B 1 4.49 -16.34 0.07
C SER B 1 4.16 -15.72 1.44
N GLY B 2 3.47 -14.58 1.41
CA GLY B 2 3.12 -13.90 2.64
C GLY B 2 3.94 -12.64 2.84
N PHE B 3 4.19 -11.91 1.75
CA PHE B 3 4.97 -10.68 1.81
C PHE B 3 4.41 -9.61 0.89
N ARG B 4 3.95 -8.51 1.49
CA ARG B 4 3.33 -7.42 0.74
C ARG B 4 4.00 -6.04 0.95
N LYS B 5 3.90 -5.19 -0.07
CA LYS B 5 4.47 -3.84 0.02
C LYS B 5 3.47 -3.06 0.88
N MET B 6 3.69 -3.11 2.19
CA MET B 6 2.84 -2.50 3.19
C MET B 6 3.10 -1.02 3.48
N ALA B 7 2.04 -0.24 3.57
CA ALA B 7 2.20 1.16 3.89
C ALA B 7 1.65 1.32 5.29
N PHE B 8 1.95 2.43 5.93
CA PHE B 8 1.43 2.68 7.27
C PHE B 8 -0.01 3.16 7.20
N PRO B 9 -0.82 2.89 8.24
CA PRO B 9 -2.20 3.36 8.23
C PRO B 9 -2.16 4.88 8.12
N SER B 10 -2.87 5.43 7.13
CA SER B 10 -2.89 6.87 6.87
C SER B 10 -3.80 7.75 7.70
N GLY B 11 -4.67 7.14 8.50
CA GLY B 11 -5.61 7.90 9.33
C GLY B 11 -5.10 9.17 9.98
N LYS B 12 -4.00 9.07 10.73
CA LYS B 12 -3.43 10.21 11.44
C LYS B 12 -2.97 11.33 10.52
N VAL B 13 -2.63 11.00 9.28
CA VAL B 13 -2.19 12.04 8.35
C VAL B 13 -3.42 12.69 7.73
N GLU B 14 -4.39 11.87 7.36
CA GLU B 14 -5.63 12.33 6.76
C GLU B 14 -6.19 13.50 7.57
N GLY B 15 -6.20 13.34 8.89
CA GLY B 15 -6.75 14.37 9.76
C GLY B 15 -5.96 15.66 9.82
N CYS B 16 -4.91 15.76 9.02
CA CYS B 16 -4.09 16.96 8.98
C CYS B 16 -4.05 17.61 7.61
N MET B 17 -4.67 16.97 6.62
CA MET B 17 -4.65 17.52 5.26
C MET B 17 -5.64 18.66 5.06
N VAL B 18 -5.20 19.71 4.37
CA VAL B 18 -6.06 20.84 4.07
C VAL B 18 -5.72 21.40 2.69
N GLN B 19 -6.53 22.32 2.20
CA GLN B 19 -6.29 22.93 0.90
C GLN B 19 -5.85 24.37 1.13
N VAL B 20 -4.76 24.76 0.46
CA VAL B 20 -4.21 26.11 0.56
C VAL B 20 -4.25 26.71 -0.84
N THR B 21 -4.85 27.88 -0.96
CA THR B 21 -4.96 28.55 -2.23
C THR B 21 -4.42 29.97 -2.14
N CYS B 22 -3.74 30.40 -3.20
CA CYS B 22 -3.19 31.74 -3.27
C CYS B 22 -3.37 32.14 -4.71
N GLY B 23 -4.06 33.24 -4.96
CA GLY B 23 -4.30 33.64 -6.33
C GLY B 23 -5.11 32.53 -6.97
N THR B 24 -4.63 31.97 -8.07
CA THR B 24 -5.36 30.90 -8.75
C THR B 24 -4.71 29.54 -8.50
N THR B 25 -3.51 29.54 -7.90
CA THR B 25 -2.78 28.31 -7.62
C THR B 25 -3.25 27.63 -6.34
N THR B 26 -3.49 26.33 -6.41
CA THR B 26 -3.93 25.54 -5.26
C THR B 26 -3.15 24.23 -5.12
N LEU B 27 -3.03 23.75 -3.90
CA LEU B 27 -2.32 22.50 -3.61
C LEU B 27 -2.57 22.10 -2.16
N ASN B 28 -1.91 21.05 -1.70
CA ASN B 28 -2.12 20.56 -0.34
C ASN B 28 -1.24 21.20 0.73
N GLY B 29 -1.71 21.13 1.98
CA GLY B 29 -0.96 21.67 3.12
C GLY B 29 -1.15 20.78 4.34
N LEU B 30 -0.17 20.76 5.25
CA LEU B 30 -0.25 19.95 6.46
C LEU B 30 -0.69 20.84 7.62
N TRP B 31 -1.79 20.49 8.27
CA TRP B 31 -2.33 21.26 9.37
C TRP B 31 -2.04 20.60 10.72
N LEU B 32 -1.05 21.14 11.42
CA LEU B 32 -0.64 20.63 12.73
C LEU B 32 -0.81 21.74 13.75
N ASP B 33 -1.57 21.46 14.81
CA ASP B 33 -1.84 22.44 15.85
C ASP B 33 -2.38 23.73 15.24
N ASP B 34 -1.68 24.84 15.40
CA ASP B 34 -2.16 26.10 14.84
C ASP B 34 -1.35 26.55 13.62
N THR B 35 -0.66 25.61 12.98
CA THR B 35 0.13 25.95 11.81
C THR B 35 -0.19 25.09 10.58
N VAL B 36 -0.07 25.66 9.40
CA VAL B 36 -0.30 24.93 8.16
C VAL B 36 1.00 24.99 7.38
N TYR B 37 1.46 23.84 6.91
CA TYR B 37 2.69 23.76 6.12
C TYR B 37 2.35 23.44 4.66
N CYS B 38 2.99 24.15 3.73
CA CYS B 38 2.77 23.92 2.30
C CYS B 38 3.97 24.41 1.49
N PRO B 39 4.14 23.87 0.27
CA PRO B 39 5.25 24.30 -0.58
C PRO B 39 5.07 25.77 -0.94
N ARG B 40 6.13 26.55 -0.79
CA ARG B 40 6.07 27.97 -1.10
C ARG B 40 5.70 28.23 -2.57
N ALA B 41 5.61 27.17 -3.37
CA ALA B 41 5.26 27.33 -4.78
C ALA B 41 3.85 27.85 -4.95
N VAL B 42 3.00 27.63 -3.95
CA VAL B 42 1.61 28.06 -4.04
C VAL B 42 1.50 29.55 -4.40
N ILE B 43 2.51 30.34 -4.05
CA ILE B 43 2.46 31.77 -4.33
C ILE B 43 3.00 32.16 -5.69
N CYS B 44 3.28 31.17 -6.53
CA CYS B 44 3.79 31.46 -7.85
C CYS B 44 2.70 31.27 -8.88
N THR B 45 2.66 32.16 -9.87
CA THR B 45 1.68 32.05 -10.95
C THR B 45 2.45 31.34 -12.06
N ALA B 46 1.74 30.89 -13.08
CA ALA B 46 2.37 30.18 -14.20
C ALA B 46 3.75 30.73 -14.59
N GLU B 47 3.79 31.98 -15.00
CA GLU B 47 5.02 32.63 -15.41
C GLU B 47 6.08 32.65 -14.30
N ASP B 48 5.66 32.98 -13.09
CA ASP B 48 6.55 33.03 -11.96
C ASP B 48 7.39 31.74 -11.86
N MET B 49 6.78 30.62 -12.18
CA MET B 49 7.43 29.30 -12.10
C MET B 49 8.73 29.12 -12.87
N LEU B 50 8.92 29.91 -13.92
CA LEU B 50 10.12 29.79 -14.73
C LEU B 50 11.40 30.22 -14.00
N ASN B 51 11.28 31.17 -13.08
CA ASN B 51 12.42 31.65 -12.31
C ASN B 51 11.90 32.58 -11.23
N PRO B 52 11.20 32.02 -10.24
CA PRO B 52 10.62 32.77 -9.12
C PRO B 52 11.60 33.40 -8.17
N ASN B 53 11.18 34.50 -7.59
CA ASN B 53 11.97 35.24 -6.62
C ASN B 53 11.09 35.20 -5.38
N TYR B 54 11.10 34.08 -4.68
CA TYR B 54 10.28 33.90 -3.49
C TYR B 54 10.26 35.03 -2.46
N GLU B 55 11.38 35.69 -2.24
CA GLU B 55 11.41 36.82 -1.31
C GLU B 55 10.48 37.89 -1.89
N ASP B 56 10.73 38.17 -3.16
CA ASP B 56 9.99 39.15 -3.91
C ASP B 56 8.51 38.81 -3.95
N LEU B 57 8.20 37.55 -4.28
CA LEU B 57 6.82 37.12 -4.36
C LEU B 57 6.07 37.10 -3.03
N LEU B 58 6.77 36.74 -1.95
CA LEU B 58 6.12 36.66 -0.66
C LEU B 58 5.83 38.01 -0.03
N ILE B 59 6.79 38.93 -0.11
CA ILE B 59 6.60 40.24 0.50
C ILE B 59 5.37 40.97 -0.03
N ARG B 60 4.90 40.58 -1.20
CA ARG B 60 3.72 41.21 -1.80
C ARG B 60 2.44 40.53 -1.34
N LYS B 61 2.55 39.71 -0.30
CA LYS B 61 1.39 38.98 0.19
C LYS B 61 1.11 39.30 1.64
N SER B 62 -0.15 39.17 2.02
CA SER B 62 -0.59 39.39 3.40
C SER B 62 -1.29 38.10 3.78
N ASN B 63 -1.76 38.01 5.02
CA ASN B 63 -2.45 36.80 5.46
C ASN B 63 -3.69 36.56 4.61
N HIS B 64 -4.37 37.65 4.26
CA HIS B 64 -5.57 37.58 3.45
C HIS B 64 -5.30 36.87 2.12
N SER B 65 -4.05 36.88 1.67
CA SER B 65 -3.69 36.25 0.39
C SER B 65 -3.78 34.73 0.39
N PHE B 66 -3.81 34.13 1.57
CA PHE B 66 -3.88 32.67 1.67
C PHE B 66 -5.24 32.14 2.05
N LEU B 67 -5.81 31.33 1.17
CA LEU B 67 -7.10 30.71 1.40
C LEU B 67 -6.89 29.26 1.79
N VAL B 68 -6.92 28.99 3.09
CA VAL B 68 -6.75 27.63 3.59
C VAL B 68 -8.10 27.11 4.04
N GLN B 69 -8.44 25.90 3.61
CA GLN B 69 -9.72 25.33 3.99
C GLN B 69 -9.61 23.89 4.44
N ALA B 70 -10.38 23.57 5.48
CA ALA B 70 -10.43 22.23 6.03
C ALA B 70 -11.79 21.74 5.57
N GLY B 71 -11.79 20.95 4.50
CA GLY B 71 -13.05 20.49 3.99
C GLY B 71 -13.74 21.69 3.37
N ASN B 72 -14.89 22.08 3.91
CA ASN B 72 -15.64 23.20 3.39
C ASN B 72 -15.61 24.38 4.34
N VAL B 73 -14.55 24.47 5.14
CA VAL B 73 -14.44 25.55 6.12
C VAL B 73 -13.19 26.36 5.92
N GLN B 74 -13.36 27.67 5.75
CA GLN B 74 -12.22 28.55 5.56
C GLN B 74 -11.51 28.66 6.90
N LEU B 75 -10.22 28.39 6.89
CA LEU B 75 -9.42 28.50 8.10
C LEU B 75 -8.77 29.86 7.98
N ARG B 76 -8.78 30.64 9.06
CA ARG B 76 -8.19 31.97 9.00
C ARG B 76 -6.71 32.00 9.31
N VAL B 77 -5.95 32.63 8.41
CA VAL B 77 -4.50 32.77 8.54
C VAL B 77 -4.12 34.08 9.24
N ILE B 78 -3.61 33.97 10.46
CA ILE B 78 -3.21 35.13 11.28
C ILE B 78 -1.70 35.39 11.31
N GLY B 79 -0.98 34.76 10.38
CA GLY B 79 0.46 34.94 10.32
C GLY B 79 1.08 34.06 9.26
N HIS B 80 2.14 34.54 8.63
CA HIS B 80 2.82 33.75 7.62
C HIS B 80 4.31 34.02 7.65
N SER B 81 5.08 33.00 7.32
CA SER B 81 6.54 33.11 7.30
C SER B 81 7.08 32.01 6.41
N MET B 82 8.20 32.29 5.74
CA MET B 82 8.83 31.30 4.87
C MET B 82 10.07 30.67 5.50
N GLN B 83 10.24 29.37 5.25
CA GLN B 83 11.36 28.59 5.75
C GLN B 83 11.82 27.71 4.60
N ASN B 84 12.92 28.11 3.96
CA ASN B 84 13.45 27.39 2.83
C ASN B 84 12.34 27.27 1.78
N CYS B 85 12.07 26.06 1.30
CA CYS B 85 11.03 25.91 0.27
C CYS B 85 9.61 25.71 0.79
N LEU B 86 9.40 25.90 2.08
CA LEU B 86 8.05 25.74 2.64
C LEU B 86 7.55 27.06 3.19
N LEU B 87 6.24 27.13 3.39
CA LEU B 87 5.60 28.30 3.96
C LEU B 87 4.87 27.86 5.21
N ARG B 88 5.09 28.58 6.31
CA ARG B 88 4.40 28.26 7.55
C ARG B 88 3.31 29.31 7.77
N LEU B 89 2.07 28.90 7.57
CA LEU B 89 0.92 29.78 7.74
C LEU B 89 0.30 29.55 9.10
N LYS B 90 0.12 30.62 9.86
CA LYS B 90 -0.49 30.53 11.18
C LYS B 90 -2.01 30.64 11.01
N VAL B 91 -2.78 29.77 11.66
CA VAL B 91 -4.22 29.84 11.55
C VAL B 91 -4.83 30.03 12.94
N ASP B 92 -5.97 30.72 13.02
CA ASP B 92 -6.59 30.97 14.32
C ASP B 92 -7.33 29.82 14.98
N THR B 93 -7.11 28.59 14.50
CA THR B 93 -7.74 27.41 15.10
C THR B 93 -6.71 26.30 15.24
N SER B 94 -6.86 25.50 16.28
CA SER B 94 -5.94 24.39 16.52
C SER B 94 -6.61 23.12 16.01
N ASN B 95 -5.86 22.31 15.25
CA ASN B 95 -6.41 21.05 14.73
C ASN B 95 -6.46 19.99 15.82
N PRO B 96 -7.66 19.68 16.32
CA PRO B 96 -7.80 18.68 17.37
C PRO B 96 -7.33 17.28 16.95
N LYS B 97 -7.43 16.98 15.67
CA LYS B 97 -7.01 15.68 15.15
C LYS B 97 -5.48 15.58 15.01
N THR B 98 -4.75 16.60 15.48
CA THR B 98 -3.29 16.62 15.40
C THR B 98 -2.68 15.46 16.16
N PRO B 99 -1.98 14.54 15.47
CA PRO B 99 -1.37 13.40 16.16
C PRO B 99 -0.03 13.76 16.80
N LYS B 100 0.53 12.81 17.56
CA LYS B 100 1.84 13.00 18.17
C LYS B 100 2.74 13.02 16.93
N TYR B 101 3.66 13.97 16.85
CA TYR B 101 4.49 14.01 15.65
C TYR B 101 5.92 14.52 15.78
N LYS B 102 6.70 14.23 14.75
CA LYS B 102 8.10 14.62 14.66
C LYS B 102 8.42 14.94 13.19
N PHE B 103 9.40 15.81 13.00
CA PHE B 103 9.86 16.18 11.66
C PHE B 103 11.24 15.55 11.53
N VAL B 104 11.39 14.54 10.67
CA VAL B 104 12.72 13.93 10.51
C VAL B 104 13.13 13.93 9.05
N ARG B 105 14.44 13.96 8.83
CA ARG B 105 14.99 13.94 7.50
C ARG B 105 15.52 12.52 7.33
N ILE B 106 14.94 11.75 6.43
CA ILE B 106 15.42 10.38 6.25
C ILE B 106 16.67 10.30 5.36
N GLN B 107 17.28 9.12 5.34
CA GLN B 107 18.47 8.89 4.53
C GLN B 107 18.09 8.07 3.31
N PRO B 108 18.80 8.24 2.20
CA PRO B 108 18.47 7.46 1.01
C PRO B 108 18.49 5.97 1.36
N GLY B 109 17.58 5.21 0.76
CA GLY B 109 17.49 3.80 1.07
C GLY B 109 16.33 3.54 2.02
N GLN B 110 16.07 4.49 2.92
CA GLN B 110 14.95 4.37 3.86
C GLN B 110 13.61 4.36 3.13
N THR B 111 12.62 3.77 3.77
CA THR B 111 11.30 3.69 3.19
C THR B 111 10.32 4.57 3.95
N PHE B 112 9.21 4.91 3.31
CA PHE B 112 8.17 5.72 3.93
C PHE B 112 6.84 5.60 3.18
N SER B 113 5.75 6.02 3.82
CA SER B 113 4.45 5.95 3.19
C SER B 113 4.05 7.33 2.67
N VAL B 114 3.39 7.35 1.53
CA VAL B 114 2.93 8.60 0.92
C VAL B 114 1.40 8.61 0.88
N LEU B 115 0.82 9.76 1.22
CA LEU B 115 -0.62 9.92 1.19
C LEU B 115 -0.91 10.89 0.07
N ALA B 116 -1.11 10.37 -1.14
CA ALA B 116 -1.40 11.20 -2.29
C ALA B 116 -2.68 11.99 -2.04
N CYS B 117 -2.65 13.28 -2.29
CA CYS B 117 -3.83 14.13 -2.09
C CYS B 117 -4.04 15.11 -3.24
N TYR B 118 -5.28 15.59 -3.36
CA TYR B 118 -5.66 16.57 -4.38
C TYR B 118 -6.69 17.46 -3.73
N ASN B 119 -6.53 18.76 -3.90
CA ASN B 119 -7.42 19.75 -3.32
C ASN B 119 -7.63 19.50 -1.83
N GLY B 120 -6.57 19.04 -1.18
CA GLY B 120 -6.60 18.79 0.24
C GLY B 120 -7.36 17.55 0.68
N SER B 121 -7.78 16.75 -0.29
CA SER B 121 -8.53 15.55 0.01
C SER B 121 -7.71 14.30 -0.34
N PRO B 122 -7.73 13.29 0.55
CA PRO B 122 -6.99 12.04 0.36
C PRO B 122 -7.43 11.23 -0.88
N SER B 123 -6.47 10.70 -1.61
CA SER B 123 -6.78 9.91 -2.80
C SER B 123 -6.32 8.46 -2.64
N GLY B 124 -5.18 8.25 -1.99
CA GLY B 124 -4.69 6.90 -1.80
C GLY B 124 -3.35 6.87 -1.07
N VAL B 125 -3.01 5.71 -0.52
CA VAL B 125 -1.75 5.57 0.20
C VAL B 125 -0.88 4.47 -0.38
N TYR B 126 0.42 4.68 -0.39
CA TYR B 126 1.34 3.68 -0.90
C TYR B 126 2.71 3.79 -0.24
N GLN B 127 3.45 2.68 -0.24
CA GLN B 127 4.76 2.62 0.36
C GLN B 127 5.79 2.82 -0.76
N CYS B 128 6.90 3.48 -0.46
CA CYS B 128 7.92 3.71 -1.47
C CYS B 128 9.23 3.96 -0.76
N ALA B 129 10.32 4.02 -1.52
CA ALA B 129 11.62 4.25 -0.91
C ALA B 129 12.28 5.48 -1.50
N MET B 130 13.07 6.13 -0.66
CA MET B 130 13.83 7.31 -1.05
C MET B 130 15.00 6.75 -1.85
N ARG B 131 14.89 6.81 -3.17
CA ARG B 131 15.94 6.33 -4.07
C ARG B 131 17.32 6.89 -3.71
N PRO B 132 18.40 6.18 -4.09
CA PRO B 132 19.75 6.67 -3.79
C PRO B 132 20.03 8.07 -4.39
N ASN B 133 19.41 8.38 -5.54
CA ASN B 133 19.60 9.70 -6.16
C ASN B 133 18.63 10.75 -5.60
N HIS B 134 18.07 10.46 -4.43
CA HIS B 134 17.18 11.38 -3.74
C HIS B 134 15.82 11.60 -4.37
N THR B 135 15.53 10.92 -5.47
CA THR B 135 14.21 11.08 -6.07
C THR B 135 13.30 9.99 -5.56
N ILE B 136 12.06 10.01 -6.01
CA ILE B 136 11.13 8.99 -5.58
C ILE B 136 10.26 8.56 -6.74
N LYS B 137 10.14 7.25 -6.93
CA LYS B 137 9.32 6.71 -7.99
C LYS B 137 7.89 6.65 -7.45
N GLY B 138 7.21 7.79 -7.50
CA GLY B 138 5.85 7.86 -6.99
C GLY B 138 4.77 7.92 -8.06
N SER B 139 3.52 7.75 -7.63
CA SER B 139 2.38 7.80 -8.52
C SER B 139 1.75 9.16 -8.24
N PHE B 140 2.53 10.20 -8.46
CA PHE B 140 2.13 11.57 -8.21
C PHE B 140 1.57 12.32 -9.41
N LEU B 141 0.25 12.48 -9.47
CA LEU B 141 -0.31 13.26 -10.57
C LEU B 141 0.06 14.68 -10.20
N ASN B 142 -0.45 15.64 -10.93
CA ASN B 142 -0.14 17.02 -10.62
C ASN B 142 -1.30 17.61 -9.81
N GLY B 143 -0.93 18.43 -8.83
CA GLY B 143 -1.91 19.03 -7.95
C GLY B 143 -1.69 18.23 -6.67
N SER B 144 -0.79 17.27 -6.75
CA SER B 144 -0.46 16.46 -5.61
C SER B 144 0.55 17.21 -4.75
N CYS B 145 0.99 18.37 -5.24
CA CYS B 145 1.95 19.18 -4.52
C CYS B 145 1.40 19.39 -3.11
N GLY B 146 2.23 19.10 -2.12
CA GLY B 146 1.79 19.26 -0.73
C GLY B 146 1.51 17.93 -0.03
N SER B 147 1.40 16.85 -0.79
CA SER B 147 1.18 15.55 -0.18
C SER B 147 2.41 15.24 0.66
N VAL B 148 2.23 14.45 1.71
CA VAL B 148 3.36 14.14 2.58
C VAL B 148 3.73 12.67 2.69
N GLY B 149 5.01 12.45 2.97
CA GLY B 149 5.54 11.11 3.14
C GLY B 149 5.76 10.94 4.64
N PHE B 150 5.50 9.76 5.16
CA PHE B 150 5.65 9.61 6.59
C PHE B 150 5.86 8.17 7.06
N ASN B 151 6.22 8.06 8.33
CA ASN B 151 6.43 6.79 9.00
C ASN B 151 5.66 6.86 10.31
N ILE B 152 5.21 5.72 10.81
CA ILE B 152 4.47 5.69 12.06
C ILE B 152 5.11 4.74 13.05
N ASP B 153 5.75 5.31 14.07
CA ASP B 153 6.41 4.56 15.13
C ASP B 153 5.45 4.59 16.31
N TYR B 154 4.72 3.49 16.49
CA TYR B 154 3.71 3.39 17.55
C TYR B 154 2.61 4.36 17.19
N ASP B 155 2.39 5.39 18.01
CA ASP B 155 1.34 6.37 17.70
C ASP B 155 1.93 7.75 17.40
N CYS B 156 3.20 7.76 17.02
CA CYS B 156 3.90 9.00 16.71
C CYS B 156 4.20 9.09 15.22
N VAL B 157 3.66 10.10 14.56
CA VAL B 157 3.89 10.28 13.15
C VAL B 157 5.18 11.07 12.88
N SER B 158 6.09 10.47 12.13
CA SER B 158 7.34 11.14 11.79
C SER B 158 7.23 11.58 10.34
N PHE B 159 6.96 12.86 10.13
CA PHE B 159 6.85 13.38 8.77
C PHE B 159 8.25 13.51 8.22
N CYS B 160 8.47 12.98 7.02
CA CYS B 160 9.81 13.03 6.43
C CYS B 160 9.83 13.64 5.04
N TYR B 161 8.67 13.70 4.39
CA TYR B 161 8.64 14.22 3.04
C TYR B 161 7.39 15.01 2.70
N MET B 162 7.58 16.02 1.85
CA MET B 162 6.50 16.85 1.36
C MET B 162 6.74 16.97 -0.13
N HIS B 163 5.81 16.46 -0.92
CA HIS B 163 5.97 16.49 -2.37
C HIS B 163 6.00 17.89 -2.97
N HIS B 164 6.85 18.05 -3.96
CA HIS B 164 6.97 19.34 -4.64
C HIS B 164 6.76 19.29 -6.15
N MET B 165 7.50 18.43 -6.84
CA MET B 165 7.40 18.39 -8.30
C MET B 165 7.77 17.10 -8.98
N GLU B 166 7.58 17.09 -10.29
CA GLU B 166 7.93 15.93 -11.09
C GLU B 166 9.10 16.35 -11.98
N LEU B 167 10.14 15.52 -12.00
CA LEU B 167 11.33 15.78 -12.80
C LEU B 167 11.08 15.28 -14.20
N PRO B 168 11.78 15.85 -15.19
CA PRO B 168 11.58 15.39 -16.57
C PRO B 168 11.83 13.90 -16.80
N THR B 169 12.59 13.27 -15.91
CA THR B 169 12.88 11.85 -16.05
C THR B 169 11.66 11.00 -15.68
N GLY B 170 10.63 11.65 -15.15
CA GLY B 170 9.42 10.94 -14.78
C GLY B 170 9.26 10.65 -13.30
N VAL B 171 10.31 10.90 -12.52
CA VAL B 171 10.29 10.67 -11.08
C VAL B 171 9.89 11.93 -10.33
N HIS B 172 9.98 11.90 -9.00
CA HIS B 172 9.57 13.05 -8.22
C HIS B 172 10.56 13.58 -7.20
N ALA B 173 10.47 14.89 -6.92
CA ALA B 173 11.36 15.54 -5.99
C ALA B 173 10.59 16.28 -4.91
N GLY B 174 11.12 16.29 -3.70
CA GLY B 174 10.46 16.98 -2.60
C GLY B 174 11.42 17.41 -1.52
N THR B 175 10.86 17.83 -0.39
CA THR B 175 11.65 18.30 0.75
C THR B 175 11.22 17.63 2.05
N ASP B 176 11.94 17.95 3.11
CA ASP B 176 11.56 17.45 4.41
C ASP B 176 10.62 18.53 4.94
N LEU B 177 10.09 18.36 6.15
CA LEU B 177 9.17 19.35 6.69
C LEU B 177 9.88 20.58 7.24
N GLU B 178 11.09 20.80 6.76
CA GLU B 178 11.86 21.96 7.17
C GLU B 178 12.08 22.77 5.90
N GLY B 179 11.71 22.19 4.77
CA GLY B 179 11.84 22.89 3.51
C GLY B 179 13.11 22.62 2.74
N LYS B 180 13.98 21.78 3.28
CA LYS B 180 15.22 21.47 2.59
C LYS B 180 14.97 20.34 1.61
N PHE B 181 15.34 20.55 0.36
CA PHE B 181 15.16 19.54 -0.65
C PHE B 181 15.99 18.29 -0.41
N TYR B 182 15.47 17.17 -0.91
CA TYR B 182 16.17 15.92 -0.86
C TYR B 182 16.72 15.91 -2.28
N GLY B 183 18.03 16.03 -2.43
CA GLY B 183 18.61 16.03 -3.76
C GLY B 183 18.88 17.43 -4.28
N PRO B 184 19.76 17.58 -5.27
CA PRO B 184 20.12 18.86 -5.88
C PRO B 184 19.03 19.46 -6.78
N PHE B 185 17.86 19.69 -6.21
CA PHE B 185 16.77 20.25 -6.98
C PHE B 185 16.30 21.55 -6.37
N VAL B 186 15.62 22.37 -7.18
CA VAL B 186 15.09 23.64 -6.69
C VAL B 186 13.62 23.82 -7.08
N ASP B 187 12.94 24.68 -6.31
CA ASP B 187 11.52 25.07 -6.46
C ASP B 187 11.31 25.81 -7.78
N ARG B 188 11.75 25.24 -8.89
CA ARG B 188 11.64 25.96 -10.14
C ARG B 188 11.54 25.11 -11.39
N GLN B 189 10.61 25.47 -12.28
CA GLN B 189 10.45 24.72 -13.49
C GLN B 189 11.57 25.01 -14.47
N THR B 190 12.63 24.21 -14.38
CA THR B 190 13.80 24.34 -15.24
C THR B 190 14.44 22.98 -15.48
N ALA B 191 15.41 22.96 -16.39
CA ALA B 191 16.12 21.73 -16.70
C ALA B 191 16.70 21.15 -15.42
N GLN B 192 16.29 19.93 -15.09
CA GLN B 192 16.80 19.27 -13.89
C GLN B 192 16.75 17.76 -14.07
N ALA B 193 17.54 17.06 -13.27
CA ALA B 193 17.58 15.61 -13.33
C ALA B 193 18.53 15.14 -12.24
N ALA B 194 18.09 14.13 -11.48
CA ALA B 194 18.90 13.59 -10.40
C ALA B 194 20.12 12.86 -10.93
N GLY B 195 21.08 12.60 -10.04
CA GLY B 195 22.27 11.88 -10.45
C GLY B 195 21.89 10.49 -10.88
N THR B 196 22.88 9.66 -11.20
CA THR B 196 22.56 8.30 -11.62
C THR B 196 21.99 7.56 -10.43
N ASP B 197 20.93 6.80 -10.65
CA ASP B 197 20.33 6.06 -9.57
C ASP B 197 20.99 4.69 -9.49
N THR B 198 20.82 4.02 -8.36
CA THR B 198 21.38 2.70 -8.16
C THR B 198 20.38 1.84 -7.39
N THR B 199 20.60 0.54 -7.39
CA THR B 199 19.71 -0.37 -6.67
C THR B 199 20.20 -0.32 -5.24
N ILE B 200 19.28 -0.37 -4.29
CA ILE B 200 19.63 -0.31 -2.89
C ILE B 200 20.03 -1.70 -2.40
N THR B 201 21.32 -1.95 -2.38
CA THR B 201 21.85 -3.25 -1.96
C THR B 201 21.44 -3.75 -0.58
N LEU B 202 21.44 -2.86 0.41
CA LEU B 202 21.07 -3.25 1.76
C LEU B 202 19.69 -3.88 1.77
N ASN B 203 18.74 -3.24 1.08
CA ASN B 203 17.36 -3.71 1.01
C ASN B 203 17.18 -5.06 0.31
N VAL B 204 17.79 -5.22 -0.86
CA VAL B 204 17.68 -6.49 -1.58
C VAL B 204 18.09 -7.68 -0.70
N LEU B 205 19.15 -7.53 0.08
CA LEU B 205 19.60 -8.61 0.94
C LEU B 205 18.55 -8.84 2.03
N ALA B 206 17.91 -7.77 2.50
CA ALA B 206 16.88 -7.90 3.54
C ALA B 206 15.72 -8.66 2.95
N TRP B 207 15.44 -8.35 1.71
CA TRP B 207 14.36 -8.98 0.99
C TRP B 207 14.65 -10.49 0.85
N LEU B 208 15.82 -10.84 0.32
CA LEU B 208 16.20 -12.24 0.17
C LEU B 208 16.11 -12.97 1.52
N TYR B 209 16.44 -12.27 2.61
CA TYR B 209 16.35 -12.85 3.94
C TYR B 209 14.87 -13.10 4.25
N ALA B 210 14.02 -12.18 3.81
CA ALA B 210 12.59 -12.30 4.01
C ALA B 210 12.09 -13.58 3.33
N ALA B 211 12.57 -13.84 2.12
CA ALA B 211 12.16 -15.05 1.42
C ALA B 211 12.61 -16.27 2.22
N VAL B 212 13.86 -16.27 2.67
CA VAL B 212 14.37 -17.40 3.44
C VAL B 212 13.56 -17.64 4.71
N ILE B 213 13.38 -16.59 5.51
CA ILE B 213 12.61 -16.73 6.73
C ILE B 213 11.19 -17.18 6.40
N ASN B 214 10.71 -16.80 5.22
CA ASN B 214 9.36 -17.17 4.78
C ASN B 214 9.31 -18.51 4.05
N GLY B 215 10.36 -19.32 4.18
CA GLY B 215 10.38 -20.63 3.53
C GLY B 215 11.16 -20.80 2.24
N ASP B 216 11.21 -19.76 1.40
CA ASP B 216 11.93 -19.84 0.14
C ASP B 216 13.43 -19.94 0.42
N ARG B 217 14.11 -20.83 -0.28
CA ARG B 217 15.54 -21.04 -0.05
C ARG B 217 16.29 -21.52 -1.29
N TRP B 218 15.60 -21.57 -2.43
CA TRP B 218 16.23 -22.05 -3.65
C TRP B 218 17.46 -21.29 -4.14
N PHE B 219 17.47 -19.97 -3.95
CA PHE B 219 18.57 -19.12 -4.41
C PHE B 219 19.89 -19.22 -3.64
N LEU B 220 19.89 -19.88 -2.49
CA LEU B 220 21.13 -20.01 -1.73
C LEU B 220 22.11 -20.97 -2.40
N ASN B 221 23.40 -20.85 -2.08
CA ASN B 221 24.41 -21.72 -2.65
C ASN B 221 25.56 -21.94 -1.69
N ARG B 222 26.50 -22.81 -2.08
CA ARG B 222 27.65 -23.11 -1.24
C ARG B 222 28.80 -22.12 -1.53
N PHE B 223 28.66 -21.35 -2.61
CA PHE B 223 29.67 -20.37 -2.99
C PHE B 223 30.07 -19.48 -1.82
N THR B 224 31.15 -18.73 -2.00
CA THR B 224 31.64 -17.84 -0.97
C THR B 224 32.06 -16.53 -1.61
N THR B 225 32.24 -15.49 -0.81
CA THR B 225 32.65 -14.21 -1.35
C THR B 225 33.11 -13.27 -0.26
N THR B 226 34.04 -12.39 -0.60
CA THR B 226 34.52 -11.43 0.38
C THR B 226 33.72 -10.18 0.13
N LEU B 227 33.77 -9.24 1.06
CA LEU B 227 33.03 -8.00 0.91
C LEU B 227 33.43 -7.25 -0.36
N ASN B 228 34.72 -7.20 -0.62
CA ASN B 228 35.25 -6.53 -1.80
C ASN B 228 34.81 -7.19 -3.12
N ASP B 229 34.99 -8.50 -3.22
CA ASP B 229 34.58 -9.19 -4.44
C ASP B 229 33.09 -9.05 -4.68
N PHE B 230 32.31 -9.01 -3.61
CA PHE B 230 30.87 -8.84 -3.78
C PHE B 230 30.62 -7.45 -4.35
N ASN B 231 31.31 -6.45 -3.83
CA ASN B 231 31.13 -5.09 -4.33
C ASN B 231 31.57 -4.92 -5.77
N LEU B 232 32.66 -5.58 -6.16
CA LEU B 232 33.15 -5.48 -7.55
C LEU B 232 32.09 -6.01 -8.52
N VAL B 233 31.34 -7.01 -8.09
CA VAL B 233 30.28 -7.57 -8.92
C VAL B 233 29.09 -6.60 -8.89
N ALA B 234 28.58 -6.35 -7.70
CA ALA B 234 27.43 -5.46 -7.50
C ALA B 234 27.57 -4.14 -8.25
N MET B 235 28.75 -3.53 -8.18
CA MET B 235 28.97 -2.27 -8.87
C MET B 235 28.76 -2.43 -10.37
N LYS B 236 29.05 -3.61 -10.91
CA LYS B 236 28.87 -3.83 -12.34
C LYS B 236 27.39 -3.79 -12.71
N TYR B 237 26.53 -4.28 -11.82
CA TYR B 237 25.10 -4.30 -12.09
C TYR B 237 24.38 -3.07 -11.55
N ASN B 238 25.17 -2.04 -11.23
CA ASN B 238 24.64 -0.78 -10.71
C ASN B 238 24.06 -0.82 -9.31
N TYR B 239 24.56 -1.73 -8.48
CA TYR B 239 24.08 -1.83 -7.10
C TYR B 239 24.95 -0.96 -6.20
N GLU B 240 24.37 -0.41 -5.14
CA GLU B 240 25.12 0.42 -4.20
C GLU B 240 26.21 -0.42 -3.54
N PRO B 241 27.42 0.15 -3.37
CA PRO B 241 28.47 -0.66 -2.73
C PRO B 241 28.00 -0.96 -1.30
N LEU B 242 28.35 -2.13 -0.80
CA LEU B 242 27.94 -2.54 0.54
C LEU B 242 29.06 -2.35 1.58
N THR B 243 28.77 -1.58 2.63
CA THR B 243 29.76 -1.31 3.69
C THR B 243 29.62 -2.27 4.86
N GLN B 244 30.62 -2.29 5.73
CA GLN B 244 30.60 -3.14 6.91
C GLN B 244 29.39 -2.81 7.74
N ASP B 245 29.02 -1.53 7.75
CA ASP B 245 27.86 -1.08 8.50
C ASP B 245 26.55 -1.69 7.99
N HIS B 246 26.50 -1.97 6.70
CA HIS B 246 25.30 -2.58 6.15
C HIS B 246 25.19 -4.04 6.57
N VAL B 247 26.33 -4.74 6.63
CA VAL B 247 26.29 -6.15 7.02
C VAL B 247 25.98 -6.28 8.51
N ASP B 248 26.46 -5.34 9.32
CA ASP B 248 26.20 -5.37 10.76
C ASP B 248 24.71 -5.13 11.00
N ILE B 249 24.09 -4.34 10.13
CA ILE B 249 22.68 -4.02 10.26
C ILE B 249 21.84 -5.25 9.94
N LEU B 250 22.36 -6.10 9.07
CA LEU B 250 21.67 -7.31 8.67
C LEU B 250 21.95 -8.40 9.70
N GLY B 251 22.54 -8.00 10.82
CA GLY B 251 22.86 -8.95 11.86
C GLY B 251 21.65 -9.69 12.41
N PRO B 252 20.61 -8.97 12.90
CA PRO B 252 19.42 -9.62 13.43
C PRO B 252 18.88 -10.66 12.45
N LEU B 253 18.62 -10.21 11.23
CA LEU B 253 18.12 -11.06 10.17
C LEU B 253 19.07 -12.21 9.88
N SER B 254 20.33 -12.02 10.22
CA SER B 254 21.34 -13.05 9.99
C SER B 254 21.17 -14.14 11.05
N ALA B 255 21.12 -13.72 12.32
CA ALA B 255 20.94 -14.62 13.45
C ALA B 255 19.74 -15.51 13.14
N GLN B 256 18.61 -14.86 12.94
CA GLN B 256 17.41 -15.57 12.57
C GLN B 256 17.79 -16.09 11.19
N THR B 257 17.26 -17.24 10.79
CA THR B 257 17.58 -17.84 9.48
C THR B 257 18.98 -18.44 9.43
N GLY B 258 19.87 -18.00 10.33
CA GLY B 258 21.22 -18.54 10.37
C GLY B 258 22.04 -18.52 9.07
N ILE B 259 21.97 -17.42 8.34
CA ILE B 259 22.73 -17.33 7.09
C ILE B 259 23.65 -16.12 7.19
N ALA B 260 24.96 -16.35 7.06
CA ALA B 260 25.94 -15.27 7.15
C ALA B 260 25.72 -14.28 6.02
N VAL B 261 25.79 -13.00 6.34
CA VAL B 261 25.62 -11.95 5.34
C VAL B 261 26.46 -12.15 4.07
N LEU B 262 27.74 -12.43 4.22
CA LEU B 262 28.59 -12.62 3.04
C LEU B 262 28.11 -13.79 2.20
N ASP B 263 27.56 -14.82 2.85
CA ASP B 263 27.05 -15.95 2.09
C ASP B 263 25.81 -15.50 1.33
N MET B 264 24.99 -14.69 2.00
CA MET B 264 23.80 -14.18 1.35
C MET B 264 24.29 -13.34 0.16
N CYS B 265 25.40 -12.63 0.35
CA CYS B 265 25.95 -11.83 -0.75
C CYS B 265 26.37 -12.75 -1.88
N ALA B 266 26.84 -13.94 -1.51
CA ALA B 266 27.27 -14.90 -2.52
C ALA B 266 26.08 -15.33 -3.36
N ALA B 267 24.90 -15.41 -2.74
CA ALA B 267 23.70 -15.80 -3.46
C ALA B 267 23.22 -14.70 -4.39
N LEU B 268 23.24 -13.46 -3.91
CA LEU B 268 22.80 -12.30 -4.71
C LEU B 268 23.70 -12.17 -5.93
N LYS B 269 25.01 -12.35 -5.72
CA LYS B 269 26.01 -12.25 -6.79
C LYS B 269 25.66 -13.18 -7.93
N GLU B 270 25.35 -14.44 -7.58
CA GLU B 270 24.97 -15.43 -8.58
C GLU B 270 23.68 -14.96 -9.25
N LEU B 271 22.77 -14.44 -8.46
CA LEU B 271 21.50 -13.96 -8.97
C LEU B 271 21.74 -12.84 -9.99
N LEU B 272 22.57 -11.87 -9.64
CA LEU B 272 22.85 -10.78 -10.55
C LEU B 272 23.37 -11.29 -11.90
N GLN B 273 24.13 -12.37 -11.86
CA GLN B 273 24.74 -12.93 -13.07
C GLN B 273 23.97 -13.98 -13.85
N ASN B 274 22.86 -14.47 -13.31
CA ASN B 274 22.11 -15.51 -14.01
C ASN B 274 20.60 -15.32 -14.04
N GLY B 275 20.13 -14.09 -13.86
CA GLY B 275 18.70 -13.88 -13.84
C GLY B 275 18.09 -14.93 -12.90
N MET B 276 16.80 -15.17 -13.00
CA MET B 276 16.18 -16.16 -12.13
C MET B 276 15.74 -17.41 -12.91
N ASN B 277 16.05 -17.41 -14.21
CA ASN B 277 15.73 -18.52 -15.10
C ASN B 277 14.34 -19.12 -14.87
N GLY B 278 13.32 -18.27 -14.83
CA GLY B 278 11.96 -18.73 -14.65
C GLY B 278 11.45 -18.79 -13.21
N ARG B 279 12.38 -18.70 -12.27
CA ARG B 279 12.04 -18.76 -10.86
C ARG B 279 11.58 -17.41 -10.33
N THR B 280 10.83 -17.45 -9.23
CA THR B 280 10.38 -16.23 -8.59
C THR B 280 10.87 -16.28 -7.15
N ILE B 281 11.22 -15.12 -6.62
CA ILE B 281 11.67 -15.05 -5.23
C ILE B 281 10.59 -14.27 -4.50
N LEU B 282 9.92 -14.93 -3.57
CA LEU B 282 8.87 -14.28 -2.79
C LEU B 282 7.83 -13.64 -3.73
N GLY B 283 7.34 -14.43 -4.67
CA GLY B 283 6.34 -13.95 -5.62
C GLY B 283 6.85 -13.04 -6.72
N SER B 284 7.98 -12.39 -6.49
CA SER B 284 8.57 -11.48 -7.47
C SER B 284 9.46 -12.18 -8.48
N THR B 285 9.78 -11.49 -9.57
CA THR B 285 10.65 -12.03 -10.62
C THR B 285 11.87 -11.14 -10.76
N ILE B 286 11.94 -10.11 -9.91
CA ILE B 286 13.09 -9.22 -9.91
C ILE B 286 13.50 -8.99 -8.47
N LEU B 287 14.73 -8.57 -8.28
CA LEU B 287 15.25 -8.32 -6.95
C LEU B 287 14.61 -7.04 -6.44
N GLU B 288 13.71 -7.17 -5.48
CA GLU B 288 13.02 -6.03 -4.90
C GLU B 288 13.92 -5.27 -3.93
N ASP B 289 13.95 -3.94 -4.04
CA ASP B 289 14.80 -3.17 -3.13
C ASP B 289 14.10 -2.03 -2.39
N GLU B 290 12.81 -2.18 -2.08
CA GLU B 290 12.11 -1.14 -1.34
C GLU B 290 11.69 -1.65 0.03
N PHE B 291 12.47 -2.61 0.51
CA PHE B 291 12.24 -3.19 1.82
C PHE B 291 13.50 -3.08 2.66
N THR B 292 13.45 -2.25 3.69
CA THR B 292 14.59 -2.09 4.57
C THR B 292 14.64 -3.26 5.54
N PRO B 293 15.80 -3.47 6.20
CA PRO B 293 15.94 -4.56 7.15
C PRO B 293 14.87 -4.40 8.21
N PHE B 294 14.64 -3.17 8.63
CA PHE B 294 13.63 -2.92 9.65
C PHE B 294 12.27 -3.35 9.11
N ASP B 295 11.96 -2.95 7.88
CA ASP B 295 10.68 -3.33 7.30
C ASP B 295 10.48 -4.85 7.39
N VAL B 296 11.46 -5.59 6.87
CA VAL B 296 11.42 -7.05 6.87
C VAL B 296 11.18 -7.60 8.27
N VAL B 297 11.98 -7.14 9.23
CA VAL B 297 11.83 -7.60 10.61
C VAL B 297 10.43 -7.29 11.14
N ARG B 298 9.88 -6.17 10.70
CA ARG B 298 8.55 -5.74 11.12
C ARG B 298 7.45 -6.64 10.54
N GLN B 299 7.56 -6.92 9.24
CA GLN B 299 6.55 -7.72 8.56
C GLN B 299 6.59 -9.22 8.84
N CYS B 300 7.73 -9.77 9.23
CA CYS B 300 7.78 -11.20 9.50
C CYS B 300 7.67 -11.55 10.98
N SER B 301 7.57 -10.54 11.84
CA SER B 301 7.47 -10.77 13.28
C SER B 301 6.56 -9.80 14.03
N GLY B 302 6.64 -8.52 13.68
CA GLY B 302 5.83 -7.50 14.33
C GLY B 302 4.34 -7.59 14.08
N THR C 1 -0.65 -30.41 4.73
CA THR C 1 -0.56 -29.74 6.07
C THR C 1 -1.95 -29.22 6.46
N SER C 2 -2.03 -28.53 7.60
CA SER C 2 -3.30 -28.00 8.09
C SER C 2 -3.34 -26.48 8.16
N ALA C 3 -4.51 -25.90 7.95
CA ALA C 3 -4.70 -24.46 8.00
C ALA C 3 -4.45 -23.93 9.41
N VAL C 4 -4.39 -22.60 9.54
CA VAL C 4 -4.15 -21.96 10.82
C VAL C 4 -5.09 -20.79 11.10
N LEU C 5 -5.82 -20.86 12.21
CA LEU C 5 -6.69 -19.75 12.57
C LEU C 5 -5.70 -18.77 13.20
N GLN C 6 -5.56 -17.61 12.58
CA GLN C 6 -4.59 -16.64 13.08
C GLN C 6 -5.02 -15.71 14.20
N SER C 7 -5.47 -16.28 15.32
CA SER C 7 -5.85 -15.44 16.45
C SER C 7 -4.59 -15.13 17.25
N GLY C 8 -4.70 -14.32 18.31
CA GLY C 8 -3.54 -13.99 19.10
C GLY C 8 -3.66 -14.53 20.51
N PHE C 9 -2.74 -14.12 21.39
CA PHE C 9 -2.71 -14.56 22.79
C PHE C 9 -2.57 -13.30 23.65
N ARG C 10 -3.24 -13.25 24.80
CA ARG C 10 -3.13 -12.04 25.64
C ARG C 10 -2.41 -12.20 26.98
N LYS C 11 -2.55 -13.36 27.62
CA LYS C 11 -1.92 -13.60 28.91
C LYS C 11 -2.70 -12.97 30.06
N THR D 1 10.75 17.97 -20.49
CA THR D 1 12.14 18.48 -20.63
C THR D 1 12.36 19.61 -19.62
N SER D 2 11.53 19.62 -18.58
CA SER D 2 11.63 20.63 -17.53
C SER D 2 10.85 20.16 -16.30
N ALA D 3 11.28 20.61 -15.13
CA ALA D 3 10.62 20.24 -13.88
C ALA D 3 9.25 20.92 -13.75
N VAL D 4 8.28 20.17 -13.25
CA VAL D 4 6.91 20.69 -13.08
C VAL D 4 6.46 20.70 -11.62
N LEU D 5 6.42 21.88 -11.02
CA LEU D 5 5.97 22.02 -9.63
C LEU D 5 4.47 21.75 -9.65
N GLN D 6 4.14 20.48 -9.45
CA GLN D 6 2.76 20.00 -9.49
C GLN D 6 1.72 20.59 -8.54
N SER D 7 1.38 21.86 -8.78
CA SER D 7 0.36 22.57 -8.01
C SER D 7 -0.89 22.58 -8.89
N GLY D 8 -2.06 22.77 -8.28
CA GLY D 8 -3.30 22.79 -9.06
C GLY D 8 -3.82 24.18 -9.38
#